data_4DCG
#
_entry.id   4DCG
#
_cell.length_a   84.334
_cell.length_b   66.735
_cell.length_c   79.392
_cell.angle_alpha   90.00
_cell.angle_beta   117.21
_cell.angle_gamma   90.00
#
_symmetry.space_group_name_H-M   'C 1 2 1'
#
loop_
_entity.id
_entity.type
_entity.pdbx_description
1 polymer VP39
2 non-polymer S-ADENOSYL-L-HOMOCYSTEINE
3 non-polymer 7-METHYLGUANOSINE
4 water water
#
_entity_poly.entity_id   1
_entity_poly.type   'polypeptide(L)'
_entity_poly.pdbx_seq_one_letter_code
;MDVVSLDKPFMYFEEIDNELDYEPESANEVAKKLPYQGQLKLLLGELFFLSKLQRHGILDGATVVYIGSAPGTHIRYLRD
HFYNLGVIIKWMLIDGRHHDPILNGLRDVTLVTRFVDEEYLRSIKKQLHPSKIILISDVRSKRGGNEPSTADLLSNYALQ
NVMISILNPVASSLKWRCPFPAQWIKDFYIPHGNKMLQPFAPSYSAEMRLLSIYTGENMRLTRVTKSDAVNYEKKMYYLN
KIVRNKVVVNFDYPNQEYDYFHMYFMLRTVYCNKTFPTTKAKVLFLQQSIFRFLNIPTTSTEKVSHE
;
_entity_poly.pdbx_strand_id   A
#
loop_
_chem_comp.id
_chem_comp.type
_chem_comp.name
_chem_comp.formula
MG7 non-polymer 7-METHYLGUANOSINE 'C11 H16 N5 O5 1'
#
# COMPACT_ATOMS: atom_id res chain seq x y z
N MET A 1 -19.95 -7.56 -23.12
CA MET A 1 -18.99 -6.78 -22.29
C MET A 1 -19.73 -6.31 -21.04
N ASP A 2 -19.01 -6.07 -19.95
CA ASP A 2 -19.58 -5.67 -18.66
C ASP A 2 -19.48 -4.17 -18.38
N VAL A 3 -20.27 -3.38 -19.09
CA VAL A 3 -20.21 -1.91 -18.97
C VAL A 3 -21.02 -1.25 -17.85
N VAL A 4 -20.57 -0.07 -17.42
CA VAL A 4 -21.21 0.67 -16.34
C VAL A 4 -20.73 2.14 -16.29
N SER A 5 -21.50 3.00 -15.62
CA SER A 5 -21.15 4.40 -15.47
C SER A 5 -20.97 4.68 -13.99
N LEU A 6 -19.80 5.21 -13.62
CA LEU A 6 -19.47 5.51 -12.25
C LEU A 6 -19.00 6.93 -12.08
N ASP A 7 -19.29 7.47 -10.91
CA ASP A 7 -18.89 8.83 -10.53
C ASP A 7 -17.43 8.78 -10.06
N LYS A 8 -17.17 7.92 -9.10
CA LYS A 8 -15.85 7.75 -8.51
C LYS A 8 -15.68 6.28 -8.16
N PRO A 9 -14.45 5.85 -7.82
CA PRO A 9 -14.27 4.44 -7.45
C PRO A 9 -14.27 4.30 -5.93
N PHE A 10 -14.30 3.07 -5.41
CA PHE A 10 -14.23 2.88 -3.96
C PHE A 10 -12.75 3.09 -3.65
N MET A 11 -12.45 4.14 -2.91
CA MET A 11 -11.08 4.45 -2.52
C MET A 11 -10.75 3.74 -1.22
N TYR A 12 -11.76 3.63 -0.34
CA TYR A 12 -11.57 3.00 0.98
C TYR A 12 -12.56 1.87 1.29
N PHE A 13 -12.12 0.89 2.09
CA PHE A 13 -12.94 -0.27 2.44
C PHE A 13 -14.35 0.11 2.90
N GLU A 14 -14.40 1.13 3.74
CA GLU A 14 -15.63 1.63 4.32
C GLU A 14 -16.67 2.08 3.29
N GLU A 15 -16.22 2.39 2.07
CA GLU A 15 -17.14 2.85 1.04
C GLU A 15 -17.84 1.70 0.30
N ILE A 16 -17.28 0.48 0.39
CA ILE A 16 -17.88 -0.66 -0.30
C ILE A 16 -19.32 -0.81 0.23
N ASP A 17 -20.27 -0.74 -0.68
CA ASP A 17 -21.70 -0.78 -0.36
C ASP A 17 -22.48 -2.05 -0.66
N ASN A 18 -21.85 -3.20 -0.59
CA ASN A 18 -22.57 -4.42 -0.86
C ASN A 18 -21.66 -5.59 -0.56
N GLU A 19 -22.20 -6.80 -0.54
CA GLU A 19 -21.40 -7.98 -0.24
C GLU A 19 -21.92 -9.23 -0.91
N LEU A 20 -21.05 -10.22 -1.04
CA LEU A 20 -21.37 -11.48 -1.69
C LEU A 20 -20.73 -12.60 -0.90
N ASP A 21 -21.36 -13.77 -0.94
CA ASP A 21 -20.81 -14.93 -0.25
C ASP A 21 -19.60 -15.39 -1.03
N TYR A 22 -18.49 -15.57 -0.32
CA TYR A 22 -17.24 -16.02 -0.91
C TYR A 22 -17.38 -17.40 -1.57
N GLU A 23 -16.96 -17.51 -2.82
CA GLU A 23 -17.02 -18.78 -3.54
C GLU A 23 -15.59 -19.29 -3.60
N PRO A 24 -15.30 -20.41 -2.89
CA PRO A 24 -13.95 -20.99 -2.88
C PRO A 24 -13.37 -21.32 -4.23
N GLU A 25 -14.25 -21.39 -5.23
CA GLU A 25 -13.85 -21.68 -6.61
C GLU A 25 -13.00 -20.54 -7.20
N SER A 26 -13.15 -19.34 -6.63
CA SER A 26 -12.42 -18.17 -7.08
C SER A 26 -10.91 -18.30 -6.87
N ALA A 27 -10.51 -19.15 -5.92
CA ALA A 27 -9.10 -19.37 -5.62
C ALA A 27 -8.32 -19.96 -6.79
N ASN A 28 -9.04 -20.61 -7.72
CA ASN A 28 -8.45 -21.24 -8.90
C ASN A 28 -8.41 -20.33 -10.12
N GLU A 29 -9.09 -19.19 -10.01
CA GLU A 29 -9.13 -18.22 -11.11
C GLU A 29 -7.84 -17.46 -11.28
N VAL A 30 -7.62 -16.97 -12.50
CA VAL A 30 -6.43 -16.19 -12.84
C VAL A 30 -6.24 -15.04 -11.86
N ALA A 31 -5.10 -15.06 -11.16
CA ALA A 31 -4.79 -14.05 -10.16
C ALA A 31 -4.11 -12.78 -10.66
N LYS A 32 -3.34 -12.89 -11.74
CA LYS A 32 -2.69 -11.69 -12.24
C LYS A 32 -2.70 -11.62 -13.76
N LYS A 33 -2.88 -10.41 -14.25
CA LYS A 33 -2.96 -10.15 -15.68
C LYS A 33 -1.85 -9.29 -16.28
N LEU A 34 -0.93 -8.79 -15.46
CA LEU A 34 0.17 -7.93 -15.92
C LEU A 34 1.51 -8.35 -15.34
N PRO A 35 2.61 -8.21 -16.12
CA PRO A 35 3.92 -8.57 -15.59
C PRO A 35 4.27 -7.54 -14.50
N TYR A 36 4.99 -7.98 -13.47
CA TYR A 36 5.36 -7.11 -12.35
C TYR A 36 4.15 -6.42 -11.72
N GLN A 37 3.00 -7.08 -11.77
CA GLN A 37 1.76 -6.49 -11.22
C GLN A 37 1.90 -6.16 -9.73
N GLY A 38 2.64 -7.00 -9.00
CA GLY A 38 2.87 -6.78 -7.59
C GLY A 38 3.65 -5.49 -7.29
N GLN A 39 4.63 -5.18 -8.15
CA GLN A 39 5.42 -3.95 -7.95
C GLN A 39 4.53 -2.74 -8.24
N LEU A 40 3.68 -2.86 -9.25
CA LEU A 40 2.74 -1.78 -9.63
C LEU A 40 1.74 -1.50 -8.48
N LYS A 41 1.19 -2.58 -7.91
CA LYS A 41 0.24 -2.48 -6.79
C LYS A 41 0.86 -1.69 -5.66
N LEU A 42 2.09 -2.08 -5.28
CA LEU A 42 2.84 -1.41 -4.20
C LEU A 42 3.18 0.04 -4.54
N LEU A 43 3.66 0.28 -5.76
CA LEU A 43 4.05 1.63 -6.18
C LEU A 43 2.88 2.63 -6.10
N LEU A 44 1.72 2.26 -6.64
CA LEU A 44 0.56 3.15 -6.60
C LEU A 44 0.12 3.49 -5.18
N GLY A 45 0.07 2.48 -4.31
CA GLY A 45 -0.35 2.70 -2.93
C GLY A 45 0.58 3.56 -2.12
N GLU A 46 1.88 3.31 -2.23
CA GLU A 46 2.87 4.07 -1.51
C GLU A 46 3.01 5.48 -2.09
N LEU A 47 2.78 5.64 -3.39
CA LEU A 47 2.84 6.97 -4.01
C LEU A 47 1.66 7.79 -3.49
N PHE A 48 0.50 7.14 -3.42
CA PHE A 48 -0.72 7.77 -2.90
C PHE A 48 -0.49 8.19 -1.44
N PHE A 49 -0.04 7.26 -0.60
CA PHE A 49 0.22 7.52 0.81
C PHE A 49 1.21 8.66 1.02
N LEU A 50 2.39 8.55 0.41
CA LEU A 50 3.44 9.58 0.51
C LEU A 50 3.02 10.97 0.01
N SER A 51 2.27 11.06 -1.08
CA SER A 51 1.83 12.35 -1.62
C SER A 51 0.87 13.04 -0.63
N LYS A 52 0.14 12.23 0.14
CA LYS A 52 -0.78 12.72 1.15
C LYS A 52 0.01 13.40 2.26
N LEU A 53 1.07 12.74 2.72
CA LEU A 53 1.94 13.27 3.76
C LEU A 53 2.61 14.57 3.32
N GLN A 54 2.94 14.64 2.04
CA GLN A 54 3.58 15.82 1.45
C GLN A 54 2.59 16.98 1.61
N ARG A 55 1.34 16.67 1.29
CA ARG A 55 0.23 17.62 1.39
C ARG A 55 0.10 18.17 2.82
N HIS A 56 0.27 17.30 3.81
CA HIS A 56 0.17 17.70 5.21
C HIS A 56 1.48 18.24 5.75
N GLY A 57 2.49 18.32 4.88
CA GLY A 57 3.79 18.82 5.30
C GLY A 57 4.60 17.93 6.21
N ILE A 58 4.29 16.64 6.22
CA ILE A 58 5.02 15.76 7.12
C ILE A 58 6.07 14.87 6.46
N LEU A 59 6.24 15.01 5.15
CA LEU A 59 7.21 14.19 4.43
C LEU A 59 8.65 14.76 4.45
N ASP A 60 8.79 16.05 4.13
CA ASP A 60 10.10 16.69 4.07
C ASP A 60 10.87 16.54 5.37
N GLY A 61 12.10 16.06 5.26
CA GLY A 61 12.95 15.89 6.42
C GLY A 61 12.76 14.57 7.16
N ALA A 62 11.86 13.73 6.70
CA ALA A 62 11.63 12.44 7.38
C ALA A 62 12.54 11.34 6.88
N THR A 63 12.62 10.27 7.67
CA THR A 63 13.37 9.07 7.29
C THR A 63 12.30 8.00 7.10
N VAL A 64 12.21 7.44 5.90
CA VAL A 64 11.24 6.39 5.64
C VAL A 64 11.89 5.04 5.97
N VAL A 65 11.37 4.36 6.99
CA VAL A 65 11.88 3.05 7.37
C VAL A 65 10.90 2.04 6.72
N TYR A 66 11.39 1.29 5.73
CA TYR A 66 10.58 0.32 5.00
C TYR A 66 11.08 -1.06 5.39
N ILE A 67 10.24 -1.81 6.10
CA ILE A 67 10.57 -3.16 6.56
C ILE A 67 9.83 -4.16 5.66
N GLY A 68 10.59 -5.11 5.11
CA GLY A 68 10.02 -6.07 4.17
C GLY A 68 10.08 -5.39 2.79
N SER A 69 11.18 -4.68 2.54
CA SER A 69 11.41 -3.94 1.29
C SER A 69 11.96 -4.64 0.04
N ALA A 70 12.51 -5.86 0.18
CA ALA A 70 13.11 -6.61 -0.94
C ALA A 70 12.12 -7.40 -1.79
N PRO A 71 12.32 -7.45 -3.12
CA PRO A 71 13.38 -6.84 -3.94
C PRO A 71 13.33 -5.30 -3.96
N GLY A 72 12.12 -4.75 -3.92
CA GLY A 72 11.98 -3.31 -3.84
C GLY A 72 12.24 -2.48 -5.09
N THR A 73 12.15 -3.12 -6.25
CA THR A 73 12.36 -2.47 -7.55
C THR A 73 11.57 -1.16 -7.66
N HIS A 74 10.27 -1.22 -7.36
CA HIS A 74 9.39 -0.04 -7.45
C HIS A 74 9.80 1.11 -6.52
N ILE A 75 10.54 0.79 -5.46
CA ILE A 75 10.96 1.80 -4.49
C ILE A 75 11.93 2.83 -5.14
N ARG A 76 12.69 2.37 -6.14
CA ARG A 76 13.61 3.26 -6.85
C ARG A 76 12.79 4.37 -7.52
N TYR A 77 11.66 4.03 -8.10
CA TYR A 77 10.79 5.04 -8.73
C TYR A 77 10.29 6.07 -7.71
N LEU A 78 9.82 5.59 -6.56
CA LEU A 78 9.34 6.47 -5.49
C LEU A 78 10.43 7.44 -5.03
N ARG A 79 11.61 6.89 -4.76
CA ARG A 79 12.75 7.69 -4.33
C ARG A 79 13.04 8.78 -5.39
N ASP A 80 13.10 8.40 -6.66
CA ASP A 80 13.37 9.37 -7.73
C ASP A 80 12.29 10.44 -7.79
N HIS A 81 11.02 10.03 -7.69
CA HIS A 81 9.93 11.00 -7.76
C HIS A 81 10.02 12.12 -6.75
N PHE A 82 10.26 11.79 -5.48
CA PHE A 82 10.34 12.84 -4.46
C PHE A 82 11.65 13.59 -4.48
N TYR A 83 12.72 12.88 -4.82
CA TYR A 83 14.07 13.45 -4.92
C TYR A 83 14.04 14.55 -5.99
N ASN A 84 13.38 14.26 -7.10
CA ASN A 84 13.29 15.23 -8.19
C ASN A 84 12.34 16.39 -7.89
N LEU A 85 11.47 16.24 -6.90
CA LEU A 85 10.57 17.31 -6.54
C LEU A 85 11.25 18.26 -5.57
N GLY A 86 12.41 17.87 -5.07
CA GLY A 86 13.13 18.71 -4.12
C GLY A 86 12.86 18.36 -2.67
N VAL A 87 12.08 17.31 -2.44
CA VAL A 87 11.78 16.87 -1.09
C VAL A 87 13.02 16.14 -0.58
N ILE A 88 13.40 16.47 0.64
CA ILE A 88 14.57 15.85 1.27
C ILE A 88 14.07 14.69 2.14
N ILE A 89 14.45 13.46 1.78
CA ILE A 89 14.03 12.24 2.49
C ILE A 89 15.20 11.25 2.55
N LYS A 90 15.31 10.52 3.65
CA LYS A 90 16.34 9.47 3.78
C LYS A 90 15.53 8.18 3.76
N TRP A 91 16.02 7.16 3.05
CA TRP A 91 15.32 5.89 2.98
C TRP A 91 16.18 4.82 3.65
N MET A 92 15.55 3.96 4.45
CA MET A 92 16.25 2.87 5.14
C MET A 92 15.44 1.61 4.85
N LEU A 93 15.96 0.78 3.96
CA LEU A 93 15.28 -0.40 3.53
C LEU A 93 15.86 -1.63 4.20
N ILE A 94 15.02 -2.32 4.98
CA ILE A 94 15.43 -3.47 5.76
C ILE A 94 14.69 -4.76 5.40
N ASP A 95 15.44 -5.80 5.08
CA ASP A 95 14.87 -7.08 4.71
C ASP A 95 16.03 -8.08 4.79
N GLY A 96 15.71 -9.35 5.06
CA GLY A 96 16.72 -10.38 5.13
C GLY A 96 17.15 -10.85 3.74
N ARG A 97 16.30 -10.59 2.76
CA ARG A 97 16.57 -10.94 1.37
C ARG A 97 17.31 -9.77 0.70
N HIS A 98 17.88 -10.00 -0.47
CA HIS A 98 18.60 -8.94 -1.15
C HIS A 98 17.74 -8.04 -2.00
N HIS A 99 18.12 -6.76 -2.02
CA HIS A 99 17.40 -5.75 -2.78
C HIS A 99 17.87 -5.68 -4.23
N ASP A 100 17.02 -5.08 -5.06
CA ASP A 100 17.32 -4.89 -6.48
C ASP A 100 18.53 -3.94 -6.54
N PRO A 101 19.60 -4.33 -7.27
CA PRO A 101 20.81 -3.50 -7.38
C PRO A 101 20.57 -2.06 -7.87
N ILE A 102 19.40 -1.75 -8.43
CA ILE A 102 19.13 -0.40 -8.88
C ILE A 102 19.03 0.56 -7.70
N LEU A 103 18.94 0.00 -6.50
CA LEU A 103 18.84 0.79 -5.27
C LEU A 103 20.20 1.16 -4.68
N ASN A 104 21.25 0.52 -5.17
CA ASN A 104 22.60 0.79 -4.72
C ASN A 104 23.13 2.13 -5.19
N GLY A 105 24.20 2.58 -4.54
CA GLY A 105 24.88 3.83 -4.90
C GLY A 105 24.18 5.15 -4.73
N LEU A 106 23.15 5.18 -3.89
CA LEU A 106 22.41 6.42 -3.63
C LEU A 106 22.74 6.82 -2.19
N ARG A 107 23.30 8.01 -2.00
CA ARG A 107 23.66 8.42 -0.64
C ARG A 107 22.43 8.52 0.27
N ASP A 108 21.27 8.78 -0.33
CA ASP A 108 20.02 8.91 0.42
C ASP A 108 19.26 7.62 0.70
N VAL A 109 19.78 6.48 0.24
CA VAL A 109 19.13 5.21 0.54
C VAL A 109 20.10 4.18 1.09
N THR A 110 19.75 3.73 2.30
CA THR A 110 20.53 2.75 3.05
C THR A 110 19.82 1.41 3.01
N LEU A 111 20.54 0.38 2.57
CA LEU A 111 20.00 -0.97 2.49
C LEU A 111 20.56 -1.80 3.66
N VAL A 112 19.68 -2.52 4.34
CA VAL A 112 20.10 -3.33 5.48
C VAL A 112 19.62 -4.76 5.25
N THR A 113 20.53 -5.71 5.38
CA THR A 113 20.19 -7.12 5.22
C THR A 113 20.04 -7.70 6.62
N ARG A 114 18.80 -7.68 7.13
CA ARG A 114 18.49 -8.15 8.47
C ARG A 114 17.00 -8.42 8.60
N PHE A 115 16.64 -9.46 9.33
CA PHE A 115 15.23 -9.74 9.60
C PHE A 115 15.04 -9.00 10.93
N VAL A 116 14.08 -8.09 10.99
CA VAL A 116 13.88 -7.33 12.19
C VAL A 116 13.11 -8.09 13.28
N ASP A 117 13.47 -7.79 14.52
CA ASP A 117 12.81 -8.34 15.71
C ASP A 117 12.71 -7.14 16.64
N GLU A 118 12.00 -7.31 17.75
CA GLU A 118 11.82 -6.21 18.71
C GLU A 118 13.13 -5.54 19.18
N GLU A 119 14.15 -6.36 19.40
CA GLU A 119 15.46 -5.88 19.85
C GLU A 119 16.15 -4.97 18.81
N TYR A 120 16.03 -5.33 17.54
CA TYR A 120 16.63 -4.58 16.44
C TYR A 120 15.93 -3.24 16.27
N LEU A 121 14.60 -3.26 16.38
CA LEU A 121 13.81 -2.03 16.25
C LEU A 121 14.31 -1.01 17.27
N ARG A 122 14.63 -1.49 18.47
CA ARG A 122 15.12 -0.63 19.55
C ARG A 122 16.45 0.02 19.15
N SER A 123 17.36 -0.78 18.62
CA SER A 123 18.66 -0.26 18.23
C SER A 123 18.61 0.76 17.09
N ILE A 124 17.74 0.54 16.09
CA ILE A 124 17.63 1.50 14.99
C ILE A 124 16.94 2.76 15.48
N LYS A 125 16.00 2.62 16.42
CA LYS A 125 15.32 3.79 16.96
C LYS A 125 16.36 4.68 17.66
N LYS A 126 17.27 4.05 18.41
CA LYS A 126 18.32 4.79 19.10
C LYS A 126 19.20 5.52 18.11
N GLN A 127 19.51 4.86 16.99
CA GLN A 127 20.35 5.45 15.97
C GLN A 127 19.66 6.50 15.09
N LEU A 128 18.39 6.28 14.77
CA LEU A 128 17.64 7.22 13.93
C LEU A 128 17.36 8.53 14.67
N HIS A 129 17.40 8.47 15.99
CA HIS A 129 17.17 9.64 16.85
C HIS A 129 18.11 10.78 16.45
N PRO A 130 17.58 12.01 16.31
CA PRO A 130 16.19 12.49 16.47
C PRO A 130 15.40 12.73 15.19
N SER A 131 15.53 11.87 14.20
CA SER A 131 14.79 12.07 12.95
C SER A 131 13.35 11.58 13.07
N LYS A 132 12.43 12.25 12.37
CA LYS A 132 11.02 11.88 12.34
C LYS A 132 10.91 10.66 11.43
N ILE A 133 10.17 9.64 11.85
CA ILE A 133 10.06 8.40 11.11
C ILE A 133 8.71 8.12 10.46
N ILE A 134 8.75 7.68 9.22
CA ILE A 134 7.56 7.29 8.45
C ILE A 134 7.77 5.80 8.25
N LEU A 135 6.85 4.98 8.76
CA LEU A 135 6.99 3.55 8.66
C LEU A 135 6.16 2.93 7.56
N ILE A 136 6.79 2.08 6.76
CA ILE A 136 6.10 1.33 5.71
C ILE A 136 6.48 -0.12 5.96
N SER A 137 5.47 -0.97 6.10
CA SER A 137 5.69 -2.38 6.33
C SER A 137 4.98 -3.26 5.30
N ASP A 138 5.73 -4.22 4.75
CA ASP A 138 5.19 -5.17 3.78
C ASP A 138 5.73 -6.56 4.12
N VAL A 139 6.02 -6.83 5.38
CA VAL A 139 6.54 -8.14 5.78
C VAL A 139 5.58 -9.29 5.49
N ARG A 140 6.14 -10.43 5.14
CA ARG A 140 5.36 -11.64 4.87
C ARG A 140 6.16 -12.81 5.42
N SER A 141 5.47 -13.69 6.14
CA SER A 141 6.07 -14.85 6.79
C SER A 141 6.78 -15.85 5.85
N PRO A 148 -0.88 -16.93 4.01
CA PRO A 148 -0.22 -17.66 5.12
C PRO A 148 -1.30 -18.20 6.07
N SER A 149 -0.88 -18.84 7.15
CA SER A 149 -1.84 -19.35 8.13
C SER A 149 -2.32 -18.15 8.96
N THR A 150 -3.40 -18.34 9.71
CA THR A 150 -3.91 -17.27 10.56
C THR A 150 -2.87 -17.01 11.64
N ALA A 151 -2.15 -18.07 12.05
CA ALA A 151 -1.11 -17.95 13.06
C ALA A 151 0.01 -17.05 12.52
N ASP A 152 0.38 -17.27 11.25
CA ASP A 152 1.40 -16.46 10.58
C ASP A 152 0.97 -15.00 10.55
N LEU A 153 -0.26 -14.76 10.14
CA LEU A 153 -0.79 -13.41 10.06
C LEU A 153 -0.73 -12.69 11.40
N LEU A 154 -1.26 -13.33 12.44
CA LEU A 154 -1.28 -12.74 13.79
C LEU A 154 0.12 -12.32 14.26
N SER A 155 1.10 -13.17 13.98
CA SER A 155 2.48 -12.90 14.34
C SER A 155 2.97 -11.65 13.58
N ASN A 156 2.62 -11.53 12.30
CA ASN A 156 3.02 -10.39 11.48
C ASN A 156 2.39 -9.12 12.02
N TYR A 157 1.10 -9.19 12.33
CA TYR A 157 0.37 -8.04 12.86
C TYR A 157 0.88 -7.63 14.24
N ALA A 158 1.31 -8.62 15.03
CA ALA A 158 1.86 -8.32 16.34
C ALA A 158 3.18 -7.55 16.12
N LEU A 159 4.00 -8.04 15.20
CA LEU A 159 5.28 -7.41 14.86
C LEU A 159 5.06 -5.98 14.35
N GLN A 160 4.03 -5.79 13.53
CA GLN A 160 3.71 -4.46 13.00
C GLN A 160 3.30 -3.47 14.09
N ASN A 161 2.60 -3.94 15.12
CA ASN A 161 2.21 -3.03 16.20
C ASN A 161 3.44 -2.62 17.02
N VAL A 162 4.38 -3.55 17.18
CA VAL A 162 5.63 -3.33 17.89
C VAL A 162 6.54 -2.36 17.11
N MET A 163 6.39 -2.36 15.78
CA MET A 163 7.14 -1.45 14.91
C MET A 163 6.71 -0.03 15.24
N ILE A 164 5.41 0.16 15.37
CA ILE A 164 4.83 1.47 15.70
C ILE A 164 5.17 1.90 17.13
N SER A 165 5.01 0.99 18.09
CA SER A 165 5.29 1.31 19.49
C SER A 165 6.74 1.65 19.75
N ILE A 166 7.66 0.91 19.13
CA ILE A 166 9.09 1.17 19.34
C ILE A 166 9.63 2.33 18.47
N LEU A 167 9.25 2.37 17.20
CA LEU A 167 9.75 3.43 16.32
C LEU A 167 9.05 4.75 16.55
N ASN A 168 7.79 4.71 16.98
CA ASN A 168 7.02 5.93 17.21
C ASN A 168 7.05 6.87 15.99
N PRO A 169 6.53 6.39 14.85
CA PRO A 169 6.49 7.14 13.60
C PRO A 169 5.43 8.23 13.54
N VAL A 170 5.64 9.21 12.66
CA VAL A 170 4.69 10.30 12.49
C VAL A 170 3.54 9.83 11.59
N ALA A 171 3.76 8.73 10.85
CA ALA A 171 2.75 8.16 9.97
C ALA A 171 3.15 6.73 9.60
N SER A 172 2.20 5.92 9.14
CA SER A 172 2.51 4.56 8.75
C SER A 172 1.58 3.95 7.70
N SER A 173 2.14 3.03 6.93
CA SER A 173 1.39 2.28 5.92
C SER A 173 1.68 0.83 6.27
N LEU A 174 0.64 0.07 6.61
CA LEU A 174 0.80 -1.33 7.00
C LEU A 174 0.00 -2.30 6.15
N LYS A 175 0.62 -3.44 5.87
CA LYS A 175 0.00 -4.51 5.11
C LYS A 175 -1.18 -4.99 5.98
N TRP A 176 -2.36 -5.14 5.40
CA TRP A 176 -3.53 -5.54 6.17
C TRP A 176 -4.49 -6.45 5.43
N ARG A 177 -4.61 -7.69 5.88
CA ARG A 177 -5.56 -8.64 5.30
C ARG A 177 -6.13 -9.45 6.46
N CYS A 178 -7.42 -9.29 6.69
CA CYS A 178 -8.09 -9.98 7.80
C CYS A 178 -8.16 -11.50 7.66
N PRO A 179 -7.84 -12.24 8.74
CA PRO A 179 -7.92 -13.70 8.67
C PRO A 179 -9.32 -14.10 8.20
N PHE A 180 -9.42 -15.21 7.46
CA PHE A 180 -10.70 -15.66 6.96
C PHE A 180 -11.48 -16.29 8.13
N PRO A 181 -12.79 -16.00 8.23
CA PRO A 181 -13.61 -16.56 9.32
C PRO A 181 -13.46 -18.06 9.56
N ALA A 182 -13.39 -18.84 8.50
CA ALA A 182 -13.25 -20.28 8.62
C ALA A 182 -11.93 -20.70 9.27
N GLN A 183 -10.97 -19.79 9.32
CA GLN A 183 -9.67 -20.07 9.92
C GLN A 183 -9.42 -19.13 11.08
N TRP A 184 -10.50 -18.67 11.71
CA TRP A 184 -10.37 -17.76 12.84
C TRP A 184 -9.68 -18.44 14.02
N ILE A 185 -8.89 -17.67 14.77
CA ILE A 185 -8.18 -18.18 15.95
C ILE A 185 -8.60 -17.40 17.18
N LYS A 186 -8.34 -16.11 17.18
CA LYS A 186 -8.69 -15.28 18.31
C LYS A 186 -8.72 -13.84 17.86
N ASP A 187 -9.39 -13.00 18.64
CA ASP A 187 -9.50 -11.58 18.33
C ASP A 187 -8.12 -10.94 18.51
N PHE A 188 -7.90 -9.82 17.84
CA PHE A 188 -6.64 -9.08 17.96
C PHE A 188 -6.86 -7.60 17.64
N TYR A 189 -5.86 -6.76 17.88
CA TYR A 189 -5.98 -5.33 17.62
C TYR A 189 -5.06 -4.83 16.49
N ILE A 190 -5.52 -3.83 15.75
CA ILE A 190 -4.73 -3.22 14.67
C ILE A 190 -4.82 -1.72 14.85
N PRO A 191 -3.86 -0.94 14.31
CA PRO A 191 -3.92 0.51 14.46
C PRO A 191 -5.12 1.06 13.73
N HIS A 192 -5.66 2.13 14.27
CA HIS A 192 -6.77 2.77 13.62
C HIS A 192 -6.15 3.54 12.42
N GLY A 193 -6.85 3.54 11.29
CA GLY A 193 -6.36 4.25 10.12
C GLY A 193 -7.32 4.07 8.96
N ASN A 194 -7.01 4.66 7.81
CA ASN A 194 -7.87 4.51 6.65
C ASN A 194 -7.47 3.23 5.93
N LYS A 195 -8.46 2.45 5.48
CA LYS A 195 -8.19 1.19 4.78
C LYS A 195 -8.19 1.44 3.30
N MET A 196 -7.03 1.83 2.78
CA MET A 196 -6.87 2.12 1.36
C MET A 196 -6.96 0.86 0.52
N LEU A 197 -7.85 0.88 -0.44
CA LEU A 197 -8.06 -0.22 -1.37
C LEU A 197 -6.97 -0.15 -2.48
N GLN A 198 -6.57 -1.32 -2.97
CA GLN A 198 -5.50 -1.45 -3.95
C GLN A 198 -5.79 -1.91 -5.37
N PRO A 199 -5.77 -0.99 -6.34
CA PRO A 199 -6.01 -1.46 -7.72
C PRO A 199 -4.78 -2.32 -8.09
N PHE A 200 -4.97 -3.29 -8.98
CA PHE A 200 -3.89 -4.19 -9.40
C PHE A 200 -3.44 -5.21 -8.35
N ALA A 201 -4.27 -5.38 -7.30
CA ALA A 201 -4.02 -6.40 -6.29
C ALA A 201 -4.42 -7.70 -7.02
N PRO A 202 -4.03 -8.88 -6.49
CA PRO A 202 -4.42 -10.10 -7.23
C PRO A 202 -5.96 -10.10 -7.36
N SER A 203 -6.45 -10.77 -8.40
CA SER A 203 -7.88 -10.84 -8.71
C SER A 203 -8.84 -11.01 -7.52
N TYR A 204 -8.51 -11.92 -6.61
CA TYR A 204 -9.37 -12.16 -5.47
C TYR A 204 -8.77 -11.87 -4.11
N SER A 205 -7.74 -11.05 -4.09
CA SER A 205 -7.09 -10.68 -2.84
C SER A 205 -7.99 -9.81 -1.94
N ALA A 206 -7.95 -10.07 -0.64
CA ALA A 206 -8.72 -9.30 0.34
C ALA A 206 -7.79 -8.34 1.07
N GLU A 207 -6.57 -8.19 0.55
CA GLU A 207 -5.56 -7.31 1.15
C GLU A 207 -5.75 -5.82 0.86
N MET A 208 -5.47 -4.98 1.85
CA MET A 208 -5.56 -3.53 1.69
C MET A 208 -4.39 -2.91 2.46
N ARG A 209 -4.29 -1.58 2.48
CA ARG A 209 -3.19 -0.95 3.23
C ARG A 209 -3.78 -0.01 4.28
N LEU A 210 -3.32 -0.17 5.51
CA LEU A 210 -3.78 0.63 6.64
C LEU A 210 -2.87 1.86 6.73
N LEU A 211 -3.46 3.04 6.48
CA LEU A 211 -2.74 4.32 6.49
C LEU A 211 -3.08 5.13 7.73
N SER A 212 -2.09 5.42 8.57
CA SER A 212 -2.30 6.17 9.81
C SER A 212 -1.34 7.35 9.98
N ILE A 213 -1.83 8.43 10.58
CA ILE A 213 -1.04 9.61 10.87
C ILE A 213 -1.16 9.81 12.38
N TYR A 214 -0.02 9.89 13.05
CA TYR A 214 -0.01 10.01 14.49
C TYR A 214 0.10 11.42 15.04
N THR A 215 -0.84 11.76 15.91
CA THR A 215 -0.88 13.07 16.55
C THR A 215 -0.59 12.87 18.03
N GLY A 216 -0.03 13.88 18.67
CA GLY A 216 0.26 13.79 20.09
C GLY A 216 1.07 12.55 20.40
N GLU A 217 0.86 11.98 21.58
CA GLU A 217 1.59 10.78 21.99
C GLU A 217 0.64 9.58 22.07
N ASN A 218 -0.52 9.74 21.46
CA ASN A 218 -1.55 8.70 21.44
C ASN A 218 -1.40 7.67 20.34
N MET A 219 -1.91 6.47 20.61
CA MET A 219 -1.89 5.37 19.67
C MET A 219 -3.23 4.67 19.86
N ARG A 220 -4.16 4.93 18.96
CA ARG A 220 -5.47 4.32 19.01
C ARG A 220 -5.51 3.02 18.22
N LEU A 221 -6.00 1.96 18.86
CA LEU A 221 -6.11 0.66 18.25
C LEU A 221 -7.59 0.29 18.09
N THR A 222 -7.86 -0.75 17.32
CA THR A 222 -9.21 -1.21 17.11
C THR A 222 -9.21 -2.73 17.12
N ARG A 223 -10.17 -3.29 17.86
CA ARG A 223 -10.30 -4.74 17.98
C ARG A 223 -10.89 -5.30 16.71
N VAL A 224 -10.46 -6.50 16.32
CA VAL A 224 -11.01 -7.15 15.15
C VAL A 224 -11.59 -8.50 15.61
N THR A 225 -12.84 -8.71 15.27
CA THR A 225 -13.56 -9.91 15.68
C THR A 225 -13.88 -10.82 14.50
N LYS A 226 -14.34 -12.04 14.79
CA LYS A 226 -14.69 -12.98 13.75
C LYS A 226 -15.83 -12.44 12.91
N SER A 227 -16.74 -11.66 13.53
CA SER A 227 -17.84 -11.08 12.76
C SER A 227 -17.31 -9.99 11.83
N ASP A 228 -16.22 -9.34 12.22
CA ASP A 228 -15.58 -8.33 11.36
C ASP A 228 -15.00 -9.11 10.18
N ALA A 229 -14.37 -10.24 10.50
CA ALA A 229 -13.77 -11.11 9.49
C ALA A 229 -14.78 -11.53 8.44
N VAL A 230 -16.02 -11.81 8.84
CA VAL A 230 -17.05 -12.21 7.88
C VAL A 230 -17.39 -11.06 6.96
N ASN A 231 -17.44 -9.86 7.52
CA ASN A 231 -17.74 -8.67 6.76
C ASN A 231 -16.62 -8.40 5.73
N TYR A 232 -15.37 -8.48 6.17
CA TYR A 232 -14.21 -8.26 5.29
C TYR A 232 -14.25 -9.20 4.09
N GLU A 233 -14.51 -10.47 4.37
CA GLU A 233 -14.59 -11.52 3.35
C GLU A 233 -15.66 -11.26 2.29
N LYS A 234 -16.86 -10.88 2.74
CA LYS A 234 -17.98 -10.63 1.84
C LYS A 234 -17.87 -9.30 1.07
N LYS A 235 -17.39 -8.26 1.74
CA LYS A 235 -17.21 -6.94 1.12
C LYS A 235 -16.11 -7.06 0.05
N MET A 236 -15.00 -7.68 0.42
CA MET A 236 -13.90 -7.84 -0.53
C MET A 236 -14.27 -8.77 -1.70
N TYR A 237 -15.07 -9.80 -1.44
CA TYR A 237 -15.47 -10.72 -2.51
C TYR A 237 -16.39 -10.00 -3.49
N TYR A 238 -17.25 -9.14 -2.99
CA TYR A 238 -18.16 -8.40 -3.84
C TYR A 238 -17.34 -7.46 -4.72
N LEU A 239 -16.42 -6.72 -4.12
CA LEU A 239 -15.56 -5.80 -4.85
C LEU A 239 -14.77 -6.53 -5.96
N ASN A 240 -14.19 -7.68 -5.62
CA ASN A 240 -13.39 -8.46 -6.56
C ASN A 240 -14.18 -9.15 -7.67
N LYS A 241 -15.25 -9.81 -7.29
CA LYS A 241 -16.07 -10.52 -8.26
C LYS A 241 -16.90 -9.59 -9.15
N ILE A 242 -17.51 -8.60 -8.55
CA ILE A 242 -18.39 -7.70 -9.30
C ILE A 242 -17.79 -6.37 -9.80
N VAL A 243 -17.38 -5.53 -8.86
CA VAL A 243 -16.85 -4.21 -9.16
C VAL A 243 -15.62 -4.14 -10.06
N ARG A 244 -14.55 -4.84 -9.68
CA ARG A 244 -13.32 -4.81 -10.45
C ARG A 244 -13.44 -5.36 -11.85
N ASN A 245 -14.52 -6.09 -12.11
CA ASN A 245 -14.77 -6.64 -13.44
C ASN A 245 -15.62 -5.69 -14.31
N LYS A 246 -15.79 -4.45 -13.89
CA LYS A 246 -16.58 -3.47 -14.64
C LYS A 246 -15.76 -2.60 -15.59
N VAL A 247 -16.38 -2.22 -16.72
CA VAL A 247 -15.78 -1.34 -17.73
C VAL A 247 -16.55 -0.03 -17.56
N VAL A 248 -15.89 0.99 -17.03
CA VAL A 248 -16.48 2.29 -16.79
C VAL A 248 -16.52 3.09 -18.10
N VAL A 249 -17.56 2.88 -18.91
CA VAL A 249 -17.70 3.54 -20.22
C VAL A 249 -17.79 5.06 -20.25
N ASN A 250 -18.12 5.69 -19.12
CA ASN A 250 -18.18 7.13 -19.12
C ASN A 250 -16.81 7.71 -18.71
N PHE A 251 -15.82 6.83 -18.50
CA PHE A 251 -14.45 7.20 -18.14
C PHE A 251 -13.74 7.32 -19.47
N ASP A 252 -13.48 8.55 -19.90
CA ASP A 252 -12.81 8.76 -21.17
C ASP A 252 -11.32 8.67 -20.85
N TYR A 253 -10.76 7.51 -21.14
CA TYR A 253 -9.36 7.25 -20.87
C TYR A 253 -9.03 6.07 -21.77
N PRO A 254 -7.74 5.92 -22.15
CA PRO A 254 -7.26 4.84 -23.01
C PRO A 254 -7.65 3.44 -22.52
N ASN A 255 -7.82 3.29 -21.20
CA ASN A 255 -8.25 2.01 -20.63
C ASN A 255 -9.38 2.31 -19.67
N GLN A 256 -10.53 1.72 -19.93
CA GLN A 256 -11.70 1.96 -19.10
C GLN A 256 -12.01 0.92 -18.02
N GLU A 257 -11.20 -0.14 -17.93
CA GLU A 257 -11.41 -1.16 -16.90
C GLU A 257 -11.39 -0.49 -15.49
N TYR A 258 -12.16 -1.04 -14.56
CA TYR A 258 -12.23 -0.49 -13.21
C TYR A 258 -10.87 -0.12 -12.55
N ASP A 259 -9.92 -1.06 -12.55
CA ASP A 259 -8.60 -0.83 -11.92
C ASP A 259 -7.86 0.42 -12.43
N TYR A 260 -8.06 0.76 -13.71
CA TYR A 260 -7.44 1.96 -14.32
C TYR A 260 -8.19 3.22 -13.89
N PHE A 261 -9.52 3.09 -13.73
CA PHE A 261 -10.37 4.18 -13.26
C PHE A 261 -9.94 4.50 -11.83
N HIS A 262 -9.78 3.45 -11.03
CA HIS A 262 -9.36 3.58 -9.64
C HIS A 262 -7.94 4.18 -9.61
N MET A 263 -7.03 3.65 -10.43
CA MET A 263 -5.66 4.17 -10.49
C MET A 263 -5.66 5.69 -10.77
N TYR A 264 -6.51 6.10 -11.71
CA TYR A 264 -6.62 7.51 -12.09
C TYR A 264 -6.88 8.38 -10.86
N PHE A 265 -7.82 7.96 -10.02
CA PHE A 265 -8.13 8.73 -8.83
C PHE A 265 -7.00 8.80 -7.82
N MET A 266 -6.10 7.82 -7.82
CA MET A 266 -4.97 7.86 -6.91
C MET A 266 -3.87 8.76 -7.50
N LEU A 267 -3.64 8.63 -8.80
CA LEU A 267 -2.60 9.43 -9.47
C LEU A 267 -2.90 10.92 -9.60
N ARG A 268 -4.18 11.28 -9.62
CA ARG A 268 -4.54 12.68 -9.72
C ARG A 268 -4.10 13.47 -8.48
N THR A 269 -3.74 12.77 -7.40
CA THR A 269 -3.32 13.45 -6.16
C THR A 269 -1.78 13.65 -6.07
N VAL A 270 -1.06 13.14 -7.06
CA VAL A 270 0.40 13.21 -7.14
C VAL A 270 0.88 14.55 -7.71
N TYR A 271 1.93 15.11 -7.10
CA TYR A 271 2.50 16.39 -7.54
C TYR A 271 3.60 16.16 -8.57
N CYS A 272 3.65 17.04 -9.57
CA CYS A 272 4.64 16.96 -10.65
C CYS A 272 5.28 18.34 -10.85
N ASN A 273 6.52 18.34 -11.35
CA ASN A 273 7.22 19.60 -11.64
C ASN A 273 6.60 20.22 -12.89
N LYS A 274 6.33 19.37 -13.88
CA LYS A 274 5.72 19.74 -15.15
C LYS A 274 4.27 20.16 -14.92
N THR A 275 3.88 21.28 -15.50
CA THR A 275 2.50 21.79 -15.40
C THR A 275 1.72 21.23 -16.56
N PHE A 276 0.55 20.69 -16.27
CA PHE A 276 -0.30 20.10 -17.30
C PHE A 276 -1.59 20.92 -17.46
N PRO A 277 -2.20 20.90 -18.65
CA PRO A 277 -3.43 21.65 -18.92
C PRO A 277 -4.68 21.00 -18.32
N THR A 278 -4.62 19.67 -18.11
CA THR A 278 -5.72 18.91 -17.54
C THR A 278 -5.22 17.81 -16.62
N THR A 279 -6.06 17.41 -15.68
CA THR A 279 -5.73 16.33 -14.74
C THR A 279 -5.50 15.07 -15.58
N LYS A 280 -6.30 14.88 -16.63
CA LYS A 280 -6.16 13.71 -17.48
C LYS A 280 -4.73 13.62 -18.06
N ALA A 281 -4.21 14.78 -18.48
CA ALA A 281 -2.86 14.87 -19.04
C ALA A 281 -1.81 14.46 -18.01
N LYS A 282 -1.92 14.94 -16.77
CA LYS A 282 -0.97 14.58 -15.73
C LYS A 282 -0.98 13.06 -15.47
N VAL A 283 -2.20 12.49 -15.36
CA VAL A 283 -2.37 11.07 -15.08
C VAL A 283 -1.82 10.16 -16.19
N LEU A 284 -2.12 10.50 -17.43
CA LEU A 284 -1.61 9.70 -18.54
C LEU A 284 -0.09 9.74 -18.48
N PHE A 285 0.46 10.91 -18.13
CA PHE A 285 1.90 11.09 -18.01
C PHE A 285 2.47 10.21 -16.93
N LEU A 286 1.86 10.28 -15.74
CA LEU A 286 2.33 9.47 -14.62
C LEU A 286 2.19 7.96 -14.90
N GLN A 287 1.06 7.54 -15.47
CA GLN A 287 0.87 6.12 -15.79
C GLN A 287 1.91 5.64 -16.80
N GLN A 288 2.12 6.42 -17.86
CA GLN A 288 3.11 6.08 -18.91
C GLN A 288 4.47 5.89 -18.26
N SER A 289 4.85 6.88 -17.46
CA SER A 289 6.10 6.89 -16.74
C SER A 289 6.27 5.66 -15.84
N ILE A 290 5.23 5.36 -15.08
CA ILE A 290 5.24 4.22 -14.17
C ILE A 290 5.39 2.88 -14.90
N PHE A 291 4.59 2.67 -15.93
CA PHE A 291 4.64 1.42 -16.69
C PHE A 291 5.98 1.26 -17.40
N ARG A 292 6.51 2.35 -17.94
CA ARG A 292 7.81 2.27 -18.60
C ARG A 292 8.87 1.85 -17.59
N PHE A 293 8.88 2.49 -16.42
CA PHE A 293 9.86 2.16 -15.40
C PHE A 293 9.82 0.67 -15.02
N LEU A 294 8.61 0.15 -14.84
CA LEU A 294 8.47 -1.24 -14.43
C LEU A 294 8.52 -2.25 -15.58
N ASN A 295 8.60 -1.76 -16.82
CA ASN A 295 8.68 -2.63 -18.00
C ASN A 295 7.36 -3.36 -18.24
N ILE A 296 6.28 -2.60 -18.11
CA ILE A 296 4.93 -3.11 -18.32
C ILE A 296 4.42 -2.42 -19.59
N PRO A 297 4.13 -3.21 -20.65
CA PRO A 297 3.64 -2.76 -21.95
C PRO A 297 2.63 -1.61 -21.89
N SAH B . 7.84 -4.81 -0.35
CA SAH B . 8.66 -5.65 -1.20
CB SAH B . 8.04 -7.06 -1.28
CG SAH B . 7.95 -7.74 0.09
SD SAH B . 7.63 -9.49 0.06
C SAH B . 8.84 -5.05 -2.60
O SAH B . 8.55 -3.85 -2.78
OXT SAH B . 9.30 -5.78 -3.52
C5' SAH B . 7.75 -9.78 1.84
C4' SAH B . 9.12 -9.55 2.42
O4' SAH B . 8.95 -9.50 3.87
C3' SAH B . 10.13 -10.62 2.10
O3' SAH B . 11.26 -10.09 1.26
C2' SAH B . 10.58 -11.01 3.44
O2' SAH B . 12.02 -11.42 3.45
C1' SAH B . 10.29 -9.85 4.29
N9 SAH B . 10.27 -10.12 5.76
C8 SAH B . 9.55 -11.12 6.45
N7 SAH B . 9.82 -10.97 7.85
C5 SAH B . 10.69 -9.88 7.93
C6 SAH B . 11.33 -9.25 9.01
N6 SAH B . 11.18 -9.64 10.28
N1 SAH B . 12.15 -8.22 8.76
C2 SAH B . 12.32 -7.84 7.52
N3 SAH B . 11.80 -8.34 6.44
C4 SAH B . 10.97 -9.38 6.70
HN1 SAH B . 8.05 -4.85 0.60
HO2' SAH B . 12.10 -12.15 4.07
HN61 SAH B . 10.58 -10.42 10.49
HN62 SAH B . 11.64 -9.18 11.07
N9 MG7 C . -8.84 -17.85 0.29
C8 MG7 C . -8.64 -16.72 -0.45
N7 MG7 C . -9.63 -15.73 -0.22
C5 MG7 C . -10.45 -16.37 0.72
C6 MG7 C . -11.61 -15.84 1.34
O6 MG7 C . -12.12 -14.53 1.09
N1 MG7 C . -12.22 -16.76 2.30
C2 MG7 C . -11.70 -18.03 2.56
N2 MG7 C . -12.33 -18.77 3.49
N3 MG7 C . -10.58 -18.50 1.95
C4 MG7 C . -10.00 -17.64 1.05
O5' MG7 C . -11.24 -21.19 -0.73
C5' MG7 C . -9.96 -21.80 -1.05
C4' MG7 C . -8.63 -21.13 -0.50
O4' MG7 C . -8.45 -19.76 -0.94
C1' MG7 C . -7.94 -18.99 0.16
CN7 MG7 C . -9.54 -14.36 -0.71
C2' MG7 C . -7.79 -19.86 1.28
O2' MG7 C . -6.36 -19.96 1.28
C3' MG7 C . -8.64 -21.03 0.93
O3' MG7 C . -8.18 -22.35 1.45
#